data_3JXH
#
_entry.id   3JXH
#
_cell.length_a   52.543
_cell.length_b   66.170
_cell.length_c   86.764
_cell.angle_alpha   90.00
_cell.angle_beta   90.00
_cell.angle_gamma   90.00
#
_symmetry.space_group_name_H-M   'P 21 21 21'
#
loop_
_entity.id
_entity.type
_entity.pdbx_description
1 polymer 'Receptor-type tyrosine-protein phosphatase gamma'
2 non-polymer 'SULFATE ION'
3 water water
#
_entity_poly.entity_id   1
_entity_poly.type   'polypeptide(L)'
_entity_poly.pdbx_seq_one_letter_code
;GDPYWAYSGAYGPEHWVTSSVSCGGRHQSPIDILDQYARVGEEYQELQLDGFDNESSNKTWMKNTGKTVAILLKDDYFVS
GAGLPGRFKAEKVEFHWGHSNGSAGSEHSINGRRFPVEMQIFFYNPDDFDSFQTAISENRIIGAMAIFFQVSPRDNSALD
PIIHGLKGVVHHEKETFLDPFVLRDLLPASLGSYYRYTGSLTTPPCSEIVEWIVFRRPVPISYHQLEAFYSIFTTEQQDH
VKSVEYLRNNFRPQQRLHDRVVSKS
;
_entity_poly.pdbx_strand_id   C
#
# COMPACT_ATOMS: atom_id res chain seq x y z
N PRO A 3 7.43 -17.10 -9.23
CA PRO A 3 8.85 -16.84 -9.51
C PRO A 3 9.48 -16.03 -8.38
N TYR A 4 10.71 -16.35 -8.00
CA TYR A 4 11.38 -15.61 -6.94
C TYR A 4 11.77 -14.21 -7.39
N TRP A 5 11.53 -13.23 -6.53
CA TRP A 5 11.92 -11.85 -6.77
C TRP A 5 12.38 -11.23 -5.47
N ALA A 6 13.19 -10.18 -5.56
CA ALA A 6 13.69 -9.49 -4.37
C ALA A 6 13.74 -7.98 -4.59
N TYR A 7 14.10 -7.24 -3.55
CA TYR A 7 14.20 -5.78 -3.66
C TYR A 7 15.63 -5.35 -3.95
N SER A 8 16.54 -6.32 -4.06
CA SER A 8 17.91 -6.03 -4.44
C SER A 8 18.58 -7.29 -5.00
N GLY A 9 19.81 -7.17 -5.47
CA GLY A 9 20.55 -8.32 -5.97
C GLY A 9 20.19 -8.72 -7.38
N ALA A 10 20.53 -9.95 -7.74
CA ALA A 10 20.32 -10.46 -9.09
C ALA A 10 18.85 -10.65 -9.44
N TYR A 11 17.99 -10.70 -8.43
CA TYR A 11 16.56 -10.84 -8.64
C TYR A 11 15.83 -9.56 -8.26
N GLY A 12 16.59 -8.48 -8.21
CA GLY A 12 16.08 -7.16 -7.84
C GLY A 12 15.18 -6.59 -8.91
N PRO A 13 14.58 -5.43 -8.65
CA PRO A 13 13.52 -4.86 -9.49
C PRO A 13 13.89 -4.68 -10.97
N GLU A 14 15.14 -4.36 -11.27
CA GLU A 14 15.51 -4.17 -12.68
C GLU A 14 15.56 -5.50 -13.42
N HIS A 15 15.47 -6.60 -12.68
CA HIS A 15 15.50 -7.93 -13.28
C HIS A 15 14.15 -8.65 -13.24
N TRP A 16 13.15 -8.02 -12.61
CA TRP A 16 11.84 -8.65 -12.52
C TRP A 16 11.28 -9.05 -13.89
N VAL A 17 11.51 -8.19 -14.88
CA VAL A 17 10.91 -8.37 -16.20
C VAL A 17 11.31 -9.74 -16.79
N THR A 18 12.48 -10.23 -16.43
CA THR A 18 12.94 -11.53 -16.91
C THR A 18 11.92 -12.63 -16.61
N SER A 19 11.37 -12.62 -15.40
CA SER A 19 10.44 -13.65 -14.95
C SER A 19 8.99 -13.26 -15.13
N SER A 20 8.69 -11.98 -14.93
CA SER A 20 7.33 -11.48 -15.05
C SER A 20 7.30 -10.37 -16.09
N VAL A 21 6.84 -10.70 -17.29
CA VAL A 21 6.92 -9.79 -18.43
C VAL A 21 6.27 -8.42 -18.17
N SER A 22 5.14 -8.41 -17.47
CA SER A 22 4.42 -7.16 -17.21
C SER A 22 5.30 -6.12 -16.51
N CYS A 23 6.32 -6.58 -15.79
CA CYS A 23 7.13 -5.66 -15.00
C CYS A 23 7.87 -4.65 -15.87
N GLY A 24 7.98 -4.94 -17.16
CA GLY A 24 8.60 -4.03 -18.11
C GLY A 24 7.59 -3.25 -18.95
N GLY A 25 6.36 -3.18 -18.47
CA GLY A 25 5.29 -2.48 -19.18
C GLY A 25 5.45 -0.97 -19.13
N ARG A 26 4.57 -0.27 -19.87
CA ARG A 26 4.66 1.18 -19.99
C ARG A 26 3.86 1.94 -18.95
N HIS A 27 2.95 1.24 -18.27
CA HIS A 27 2.08 1.86 -17.26
C HIS A 27 2.27 1.24 -15.87
N GLN A 28 3.46 1.43 -15.33
CA GLN A 28 3.83 0.78 -14.08
C GLN A 28 3.71 1.72 -12.89
N SER A 29 3.71 1.13 -11.70
CA SER A 29 3.65 1.86 -10.44
C SER A 29 4.85 1.39 -9.61
N PRO A 30 5.32 2.22 -8.67
CA PRO A 30 4.81 3.54 -8.25
C PRO A 30 5.37 4.64 -9.14
N ILE A 31 4.84 5.85 -8.96
CA ILE A 31 5.30 7.01 -9.70
C ILE A 31 5.53 8.15 -8.73
N ASP A 32 6.25 9.17 -9.19
CA ASP A 32 6.32 10.44 -8.50
C ASP A 32 5.19 11.29 -9.06
N ILE A 33 4.42 11.92 -8.18
CA ILE A 33 3.29 12.72 -8.60
C ILE A 33 3.68 14.18 -8.56
N LEU A 34 3.70 14.81 -9.73
CA LEU A 34 3.97 16.25 -9.83
C LEU A 34 2.64 16.98 -9.75
N ASP A 35 2.42 17.69 -8.65
CA ASP A 35 1.10 18.24 -8.36
C ASP A 35 0.69 19.27 -9.41
N GLN A 36 1.66 20.01 -9.92
CA GLN A 36 1.44 21.00 -10.96
C GLN A 36 0.79 20.38 -12.20
N TYR A 37 1.12 19.12 -12.48
CA TYR A 37 0.62 18.45 -13.66
C TYR A 37 -0.62 17.59 -13.40
N ALA A 38 -1.11 17.60 -12.17
CA ALA A 38 -2.32 16.86 -11.85
C ALA A 38 -3.55 17.64 -12.32
N ARG A 39 -4.44 16.97 -13.04
CA ARG A 39 -5.61 17.62 -13.61
C ARG A 39 -6.77 17.51 -12.63
N VAL A 40 -7.39 18.64 -12.30
CA VAL A 40 -8.51 18.62 -11.39
C VAL A 40 -9.55 17.68 -11.98
N GLY A 41 -9.51 17.54 -13.29
CA GLY A 41 -10.28 16.53 -13.99
C GLY A 41 -11.74 16.53 -13.59
N GLU A 42 -12.42 15.46 -13.97
CA GLU A 42 -13.85 15.34 -13.76
C GLU A 42 -14.27 15.76 -12.35
N GLU A 43 -15.51 16.21 -12.25
CA GLU A 43 -16.15 16.36 -10.96
C GLU A 43 -16.48 14.96 -10.47
N TYR A 44 -15.78 14.49 -9.44
CA TYR A 44 -15.99 13.13 -8.96
C TYR A 44 -16.61 13.05 -7.58
N GLN A 45 -17.55 12.11 -7.45
CA GLN A 45 -18.12 11.74 -6.16
C GLN A 45 -16.99 11.62 -5.15
N GLU A 46 -17.19 12.16 -3.95
CA GLU A 46 -16.20 12.04 -2.88
C GLU A 46 -16.08 10.59 -2.53
N LEU A 47 -14.93 10.19 -1.98
CA LEU A 47 -14.78 8.82 -1.57
C LEU A 47 -15.89 8.44 -0.61
N GLN A 48 -16.58 7.34 -0.93
CA GLN A 48 -17.59 6.78 -0.04
C GLN A 48 -16.99 5.56 0.63
N LEU A 49 -16.84 5.60 1.96
CA LEU A 49 -16.31 4.47 2.71
C LEU A 49 -17.42 3.79 3.50
N ASP A 50 -17.49 2.46 3.40
CA ASP A 50 -18.46 1.70 4.18
C ASP A 50 -17.71 0.69 5.06
N GLY A 51 -18.01 0.71 6.36
CA GLY A 51 -17.44 -0.28 7.26
C GLY A 51 -16.12 0.11 7.91
N PHE A 52 -15.54 1.23 7.48
CA PHE A 52 -14.23 1.63 7.99
C PHE A 52 -14.26 2.10 9.43
N ASP A 53 -15.43 2.51 9.92
CA ASP A 53 -15.56 2.98 11.30
C ASP A 53 -15.67 1.85 12.32
N ASN A 54 -15.98 0.64 11.85
CA ASN A 54 -16.15 -0.51 12.74
C ASN A 54 -14.82 -1.02 13.26
N GLU A 55 -14.81 -1.52 14.49
CA GLU A 55 -13.62 -2.15 15.01
C GLU A 55 -13.39 -3.47 14.28
N SER A 56 -12.13 -3.81 14.06
CA SER A 56 -11.80 -5.01 13.33
C SER A 56 -12.07 -6.27 14.15
N SER A 57 -12.36 -7.35 13.44
CA SER A 57 -12.55 -8.66 14.04
C SER A 57 -11.24 -9.13 14.68
N ASN A 58 -11.34 -9.90 15.76
CA ASN A 58 -10.15 -10.49 16.36
C ASN A 58 -9.58 -11.63 15.51
N LYS A 59 -10.25 -11.93 14.40
CA LYS A 59 -9.75 -12.92 13.42
C LYS A 59 -8.79 -12.30 12.38
N THR A 60 -8.72 -10.97 12.33
CA THR A 60 -7.83 -10.26 11.42
C THR A 60 -6.40 -10.60 11.81
N TRP A 61 -5.54 -10.86 10.84
CA TRP A 61 -4.20 -11.34 11.19
C TRP A 61 -3.11 -10.75 10.30
N MET A 62 -1.87 -10.90 10.75
CA MET A 62 -0.73 -10.21 10.16
C MET A 62 0.38 -11.24 9.91
N LYS A 63 1.06 -11.12 8.77
CA LYS A 63 2.12 -12.07 8.41
C LYS A 63 3.36 -11.34 7.91
N ASN A 64 4.53 -11.80 8.32
CA ASN A 64 5.78 -11.34 7.73
C ASN A 64 6.07 -12.21 6.51
N THR A 65 5.87 -11.66 5.32
CA THR A 65 6.06 -12.44 4.11
C THR A 65 7.51 -12.48 3.64
N GLY A 66 8.37 -11.71 4.31
CA GLY A 66 9.76 -11.54 3.87
C GLY A 66 9.97 -10.39 2.90
N LYS A 67 8.88 -9.93 2.29
CA LYS A 67 8.92 -8.80 1.36
C LYS A 67 8.18 -7.60 1.94
N THR A 68 7.25 -7.89 2.84
CA THR A 68 6.47 -6.88 3.50
C THR A 68 5.85 -7.50 4.73
N VAL A 69 5.10 -6.70 5.46
CA VAL A 69 4.20 -7.23 6.46
C VAL A 69 2.79 -7.00 5.95
N ALA A 70 2.02 -8.08 5.87
CA ALA A 70 0.67 -7.97 5.29
C ALA A 70 -0.36 -8.17 6.38
N ILE A 71 -1.48 -7.46 6.27
CA ILE A 71 -2.62 -7.70 7.13
C ILE A 71 -3.77 -8.24 6.30
N LEU A 72 -4.27 -9.41 6.66
CA LEU A 72 -5.38 -10.05 5.95
C LEU A 72 -6.69 -9.68 6.63
N LEU A 73 -7.53 -8.89 5.95
CA LEU A 73 -8.71 -8.33 6.59
C LEU A 73 -9.87 -9.33 6.64
N LYS A 74 -10.55 -9.38 7.79
CA LYS A 74 -11.64 -10.34 7.97
C LYS A 74 -13.00 -9.68 8.14
N ASP A 75 -13.06 -8.37 7.95
CA ASP A 75 -14.35 -7.67 7.97
C ASP A 75 -14.65 -7.14 6.58
N ASP A 76 -15.87 -6.67 6.39
CA ASP A 76 -16.27 -6.06 5.11
C ASP A 76 -16.01 -4.56 5.09
N TYR A 77 -15.14 -4.13 4.18
CA TYR A 77 -14.83 -2.72 4.03
C TYR A 77 -15.01 -2.39 2.56
N PHE A 78 -15.76 -1.35 2.25
CA PHE A 78 -16.05 -0.97 0.86
C PHE A 78 -15.65 0.47 0.51
N VAL A 79 -15.24 0.68 -0.73
CA VAL A 79 -14.98 2.04 -1.22
C VAL A 79 -15.62 2.22 -2.59
N SER A 80 -16.16 3.41 -2.83
CA SER A 80 -16.68 3.78 -4.12
C SER A 80 -16.43 5.27 -4.26
N GLY A 81 -16.68 5.80 -5.46
CA GLY A 81 -16.41 7.20 -5.73
C GLY A 81 -15.02 7.40 -6.30
N ALA A 82 -14.59 8.65 -6.40
CA ALA A 82 -13.28 8.98 -6.94
C ALA A 82 -13.01 8.37 -8.31
N GLY A 83 -14.06 8.28 -9.14
CA GLY A 83 -13.91 7.76 -10.49
C GLY A 83 -13.71 6.25 -10.64
N LEU A 84 -13.77 5.51 -9.55
CA LEU A 84 -13.73 4.05 -9.64
C LEU A 84 -15.03 3.53 -10.24
N PRO A 85 -14.95 2.47 -11.07
CA PRO A 85 -16.18 1.88 -11.63
C PRO A 85 -16.85 0.96 -10.62
N GLY A 86 -17.86 1.48 -9.95
CA GLY A 86 -18.62 0.70 -8.99
C GLY A 86 -17.93 0.59 -7.63
N ARG A 87 -18.31 -0.44 -6.88
CA ARG A 87 -17.88 -0.58 -5.49
C ARG A 87 -16.79 -1.61 -5.37
N PHE A 88 -15.83 -1.33 -4.49
CA PHE A 88 -14.67 -2.20 -4.30
C PHE A 88 -14.61 -2.63 -2.85
N LYS A 89 -14.09 -3.84 -2.63
CA LYS A 89 -14.06 -4.45 -1.31
C LYS A 89 -12.61 -4.73 -0.90
N ALA A 90 -12.25 -4.32 0.31
CA ALA A 90 -10.87 -4.46 0.79
C ALA A 90 -10.50 -5.92 1.08
N GLU A 91 -9.28 -6.30 0.69
CA GLU A 91 -8.77 -7.65 0.89
C GLU A 91 -7.62 -7.68 1.92
N LYS A 92 -6.66 -6.78 1.74
CA LYS A 92 -5.44 -6.84 2.54
C LYS A 92 -4.70 -5.51 2.58
N VAL A 93 -3.79 -5.40 3.53
CA VAL A 93 -3.00 -4.19 3.70
C VAL A 93 -1.54 -4.61 3.64
N GLU A 94 -0.70 -3.82 2.97
CA GLU A 94 0.76 -4.08 2.98
C GLU A 94 1.52 -2.80 3.24
N PHE A 95 2.77 -2.92 3.68
CA PHE A 95 3.54 -1.74 4.11
C PHE A 95 4.91 -1.71 3.44
N HIS A 96 5.39 -0.50 3.20
CA HIS A 96 6.73 -0.27 2.66
C HIS A 96 7.39 0.76 3.52
N TRP A 97 8.65 0.53 3.86
CA TRP A 97 9.35 1.44 4.76
C TRP A 97 10.82 1.54 4.44
N GLY A 98 11.51 2.42 5.19
CA GLY A 98 12.88 2.74 4.90
C GLY A 98 13.86 1.94 5.74
N HIS A 99 14.86 2.62 6.27
CA HIS A 99 16.02 1.95 6.87
C HIS A 99 16.18 2.30 8.34
N SER A 100 16.16 3.59 8.64
CA SER A 100 16.37 4.06 10.01
C SER A 100 15.96 5.52 10.14
N ASN A 101 15.59 5.92 11.35
CA ASN A 101 15.44 7.35 11.69
C ASN A 101 14.54 8.10 10.71
N GLY A 102 13.48 7.44 10.27
CA GLY A 102 12.50 8.07 9.39
C GLY A 102 12.94 8.25 7.95
N SER A 103 13.94 7.47 7.52
CA SER A 103 14.46 7.61 6.15
C SER A 103 13.42 7.19 5.12
N ALA A 104 13.59 7.64 3.88
CA ALA A 104 12.57 7.44 2.85
C ALA A 104 12.21 5.97 2.69
N GLY A 105 10.91 5.66 2.70
CA GLY A 105 10.47 4.29 2.58
C GLY A 105 9.26 4.13 1.68
N SER A 106 8.67 5.24 1.25
CA SER A 106 7.45 5.15 0.45
C SER A 106 7.76 4.74 -0.99
N GLU A 107 6.75 4.19 -1.65
CA GLU A 107 6.89 3.84 -3.05
C GLU A 107 6.59 5.06 -3.93
N HIS A 108 5.44 5.67 -3.66
CA HIS A 108 5.06 6.92 -4.32
C HIS A 108 5.75 8.10 -3.67
N SER A 109 5.75 9.22 -4.38
CA SER A 109 6.19 10.47 -3.80
C SER A 109 5.35 11.60 -4.36
N ILE A 110 5.39 12.75 -3.72
CA ILE A 110 4.69 13.94 -4.24
C ILE A 110 5.73 15.04 -4.39
N ASN A 111 5.89 15.51 -5.63
CA ASN A 111 6.92 16.52 -5.93
C ASN A 111 8.29 16.12 -5.40
N GLY A 112 8.60 14.83 -5.52
CA GLY A 112 9.90 14.30 -5.16
C GLY A 112 10.02 13.95 -3.69
N ARG A 113 9.02 14.36 -2.90
CA ARG A 113 9.04 14.13 -1.47
C ARG A 113 8.56 12.72 -1.09
N ARG A 114 9.40 11.97 -0.39
CA ARG A 114 9.04 10.65 0.10
C ARG A 114 8.70 10.68 1.59
N PHE A 115 8.10 9.60 2.07
CA PHE A 115 7.65 9.50 3.45
C PHE A 115 8.26 8.25 4.07
N PRO A 116 8.31 8.19 5.40
CA PRO A 116 9.00 7.03 6.02
C PRO A 116 8.28 5.70 5.90
N VAL A 117 6.95 5.73 5.72
CA VAL A 117 6.17 4.50 5.50
C VAL A 117 5.10 4.80 4.46
N GLU A 118 4.78 3.80 3.64
CA GLU A 118 3.58 3.86 2.80
C GLU A 118 2.77 2.60 3.07
N MET A 119 1.51 2.78 3.43
CA MET A 119 0.59 1.68 3.64
C MET A 119 -0.30 1.61 2.43
N GLN A 120 -0.50 0.41 1.90
CA GLN A 120 -1.33 0.23 0.73
C GLN A 120 -2.47 -0.72 1.06
N ILE A 121 -3.70 -0.34 0.71
CA ILE A 121 -4.84 -1.23 0.92
C ILE A 121 -5.35 -1.64 -0.45
N PHE A 122 -5.56 -2.95 -0.64
CA PHE A 122 -5.91 -3.49 -1.95
C PHE A 122 -7.36 -3.94 -1.94
N PHE A 123 -8.07 -3.67 -3.04
CA PHE A 123 -9.50 -3.90 -3.14
C PHE A 123 -9.82 -4.65 -4.44
N TYR A 124 -10.87 -5.46 -4.44
CA TYR A 124 -11.36 -6.00 -5.71
C TYR A 124 -12.85 -5.71 -5.86
N ASN A 125 -13.37 -5.86 -7.06
CA ASN A 125 -14.79 -5.62 -7.29
C ASN A 125 -15.54 -6.93 -7.12
N PRO A 126 -16.33 -7.06 -6.05
CA PRO A 126 -16.97 -8.33 -5.68
C PRO A 126 -18.09 -8.67 -6.65
N ASP A 127 -18.58 -7.67 -7.38
CA ASP A 127 -19.68 -7.90 -8.33
C ASP A 127 -19.18 -8.70 -9.53
N ASP A 128 -17.88 -8.63 -9.78
CA ASP A 128 -17.27 -9.34 -10.89
C ASP A 128 -16.65 -10.68 -10.46
N PHE A 129 -16.16 -10.75 -9.23
CA PHE A 129 -15.50 -11.98 -8.76
C PHE A 129 -15.75 -12.30 -7.30
N ASP A 130 -15.60 -13.58 -6.98
CA ASP A 130 -15.79 -14.08 -5.63
C ASP A 130 -14.62 -13.70 -4.73
N SER A 131 -13.44 -13.53 -5.32
CA SER A 131 -12.23 -13.35 -4.53
C SER A 131 -11.21 -12.43 -5.18
N PHE A 132 -10.33 -11.86 -4.35
CA PHE A 132 -9.24 -11.00 -4.81
C PHE A 132 -8.29 -11.77 -5.73
N GLN A 133 -8.05 -13.04 -5.41
CA GLN A 133 -7.16 -13.89 -6.21
C GLN A 133 -7.74 -14.15 -7.59
N THR A 134 -9.03 -14.46 -7.63
CA THR A 134 -9.77 -14.57 -8.89
C THR A 134 -9.60 -13.30 -9.72
N ALA A 135 -9.77 -12.14 -9.09
CA ALA A 135 -9.70 -10.85 -9.77
C ALA A 135 -8.36 -10.58 -10.46
N ILE A 136 -7.26 -10.83 -9.75
CA ILE A 136 -5.93 -10.61 -10.33
C ILE A 136 -5.64 -11.59 -11.47
N SER A 137 -6.11 -12.83 -11.31
CA SER A 137 -5.91 -13.86 -12.33
C SER A 137 -6.57 -13.49 -13.66
N GLU A 138 -7.56 -12.61 -13.61
CA GLU A 138 -8.32 -12.27 -14.82
C GLU A 138 -7.94 -10.91 -15.42
N ASN A 139 -6.97 -10.24 -14.82
CA ASN A 139 -6.57 -8.93 -15.30
C ASN A 139 -7.74 -7.95 -15.42
N ARG A 140 -8.64 -7.96 -14.44
CA ARG A 140 -9.70 -6.96 -14.38
C ARG A 140 -9.25 -5.84 -13.45
N ILE A 141 -9.97 -4.73 -13.43
CA ILE A 141 -9.56 -3.59 -12.58
C ILE A 141 -9.66 -3.93 -11.11
N ILE A 142 -8.56 -3.72 -10.39
CA ILE A 142 -8.57 -3.75 -8.94
C ILE A 142 -8.20 -2.35 -8.44
N GLY A 143 -8.46 -2.09 -7.17
CA GLY A 143 -8.23 -0.78 -6.61
C GLY A 143 -7.17 -0.83 -5.55
N ALA A 144 -6.50 0.28 -5.35
CA ALA A 144 -5.51 0.35 -4.28
C ALA A 144 -5.43 1.78 -3.73
N MET A 145 -5.34 1.88 -2.40
CA MET A 145 -5.14 3.18 -1.76
C MET A 145 -3.72 3.19 -1.24
N ALA A 146 -3.07 4.34 -1.37
CA ALA A 146 -1.75 4.53 -0.81
C ALA A 146 -1.84 5.62 0.24
N ILE A 147 -1.37 5.33 1.45
CA ILE A 147 -1.46 6.27 2.57
C ILE A 147 -0.05 6.46 3.06
N PHE A 148 0.40 7.71 3.14
CA PHE A 148 1.72 7.96 3.69
C PHE A 148 1.65 8.14 5.19
N PHE A 149 2.71 7.76 5.89
CA PHE A 149 2.86 8.11 7.31
C PHE A 149 3.97 9.17 7.42
N GLN A 150 3.81 10.10 8.35
CA GLN A 150 4.85 11.11 8.60
C GLN A 150 5.17 11.18 10.08
N VAL A 151 6.44 11.40 10.42
CA VAL A 151 6.84 11.43 11.82
C VAL A 151 6.12 12.52 12.61
N SER A 152 5.75 12.20 13.84
CA SER A 152 5.12 13.13 14.75
C SER A 152 5.74 12.95 16.13
N PRO A 153 5.68 13.98 16.96
CA PRO A 153 6.32 13.91 18.28
C PRO A 153 5.73 12.85 19.22
N ARG A 154 4.43 12.58 19.13
CA ARG A 154 3.75 11.61 20.02
C ARG A 154 3.38 10.34 19.27
N ASP A 155 3.31 9.22 20.00
CA ASP A 155 2.78 7.99 19.39
C ASP A 155 1.38 8.27 18.86
N ASN A 156 1.06 7.70 17.70
CA ASN A 156 -0.29 7.70 17.19
C ASN A 156 -1.01 6.49 17.76
N SER A 157 -1.93 6.72 18.69
CA SER A 157 -2.56 5.61 19.39
C SER A 157 -3.38 4.70 18.47
N ALA A 158 -3.86 5.26 17.37
CA ALA A 158 -4.64 4.46 16.42
C ALA A 158 -3.82 3.31 15.83
N LEU A 159 -2.50 3.49 15.78
CA LEU A 159 -1.58 2.51 15.20
C LEU A 159 -1.16 1.44 16.21
N ASP A 160 -1.53 1.61 17.48
CA ASP A 160 -1.06 0.70 18.54
C ASP A 160 -1.19 -0.79 18.19
N PRO A 161 -2.38 -1.22 17.70
CA PRO A 161 -2.53 -2.65 17.39
C PRO A 161 -1.59 -3.10 16.25
N ILE A 162 -1.33 -2.21 15.30
CA ILE A 162 -0.46 -2.53 14.18
C ILE A 162 0.98 -2.66 14.66
N ILE A 163 1.41 -1.72 15.49
CA ILE A 163 2.76 -1.72 16.01
C ILE A 163 3.01 -2.94 16.89
N HIS A 164 2.02 -3.29 17.70
CA HIS A 164 2.09 -4.46 18.54
C HIS A 164 2.23 -5.72 17.69
N GLY A 165 1.47 -5.77 16.59
CA GLY A 165 1.55 -6.86 15.64
C GLY A 165 2.96 -7.03 15.07
N LEU A 166 3.56 -5.93 14.64
CA LEU A 166 4.91 -5.97 14.10
C LEU A 166 5.87 -6.63 15.07
N LYS A 167 5.70 -6.33 16.36
CA LYS A 167 6.60 -6.89 17.36
C LYS A 167 6.46 -8.40 17.46
N GLY A 168 5.32 -8.92 17.01
CA GLY A 168 5.09 -10.35 17.02
C GLY A 168 5.48 -11.08 15.75
N VAL A 169 5.87 -10.37 14.70
CA VAL A 169 6.23 -11.01 13.43
C VAL A 169 7.65 -10.69 12.94
N VAL A 170 8.60 -10.56 13.87
CA VAL A 170 9.96 -10.21 13.47
C VAL A 170 10.54 -11.22 12.50
N HIS A 171 10.32 -12.50 12.76
CA HIS A 171 10.92 -13.52 11.93
C HIS A 171 10.12 -13.86 10.72
N HIS A 172 10.82 -14.10 9.62
CA HIS A 172 10.20 -14.47 8.35
C HIS A 172 9.15 -15.59 8.52
N GLU A 173 7.98 -15.34 7.96
CA GLU A 173 6.87 -16.31 7.93
C GLU A 173 6.00 -16.32 9.19
N LYS A 174 6.41 -15.60 10.24
CA LYS A 174 5.62 -15.57 11.45
C LYS A 174 4.28 -14.88 11.22
N GLU A 175 3.25 -15.34 11.94
CA GLU A 175 1.89 -14.83 11.82
C GLU A 175 1.30 -14.58 13.19
N THR A 176 0.43 -13.59 13.29
CA THR A 176 -0.21 -13.25 14.56
C THR A 176 -1.57 -12.63 14.35
N PHE A 177 -2.49 -12.90 15.28
CA PHE A 177 -3.75 -12.14 15.26
C PHE A 177 -3.47 -10.75 15.76
N LEU A 178 -4.35 -9.80 15.41
CA LEU A 178 -4.18 -8.42 15.82
C LEU A 178 -5.25 -7.97 16.82
N ASP A 179 -4.85 -7.11 17.75
CA ASP A 179 -5.80 -6.38 18.61
C ASP A 179 -6.74 -5.63 17.68
N PRO A 180 -7.97 -5.33 18.15
CA PRO A 180 -8.91 -4.61 17.29
C PRO A 180 -8.42 -3.20 16.95
N PHE A 181 -8.56 -2.82 15.68
CA PHE A 181 -8.24 -1.46 15.27
C PHE A 181 -9.37 -0.92 14.40
N VAL A 182 -9.38 0.39 14.22
CA VAL A 182 -10.38 1.01 13.36
C VAL A 182 -9.71 1.47 12.07
N LEU A 183 -10.11 0.88 10.95
CA LEU A 183 -9.41 1.11 9.68
C LEU A 183 -9.45 2.59 9.27
N ARG A 184 -10.60 3.25 9.50
CA ARG A 184 -10.70 4.67 9.19
C ARG A 184 -9.58 5.47 9.83
N ASP A 185 -9.16 5.04 11.02
CA ASP A 185 -8.19 5.81 11.79
C ASP A 185 -6.76 5.58 11.32
N LEU A 186 -6.60 4.70 10.33
CA LEU A 186 -5.30 4.52 9.70
C LEU A 186 -5.25 5.29 8.38
N LEU A 187 -6.33 6.02 8.08
CA LEU A 187 -6.36 6.89 6.92
C LEU A 187 -6.24 8.34 7.40
N PRO A 188 -5.91 9.25 6.48
CA PRO A 188 -5.73 10.66 6.85
C PRO A 188 -7.01 11.26 7.43
N ALA A 189 -6.85 12.25 8.30
CA ALA A 189 -8.00 12.94 8.88
C ALA A 189 -9.02 13.40 7.82
N SER A 190 -8.55 13.99 6.73
CA SER A 190 -9.44 14.30 5.62
C SER A 190 -9.14 13.41 4.42
N LEU A 191 -10.19 12.91 3.79
CA LEU A 191 -10.05 12.06 2.61
C LEU A 191 -10.27 12.88 1.36
N GLY A 192 -10.38 14.20 1.52
CA GLY A 192 -10.78 15.04 0.41
C GLY A 192 -9.68 15.34 -0.59
N SER A 193 -8.43 15.14 -0.20
CA SER A 193 -7.33 15.50 -1.07
C SER A 193 -6.56 14.27 -1.49
N TYR A 194 -6.69 13.88 -2.76
CA TYR A 194 -6.04 12.66 -3.25
C TYR A 194 -5.71 12.79 -4.75
N TYR A 195 -4.86 11.89 -5.22
CA TYR A 195 -4.54 11.80 -6.64
C TYR A 195 -5.06 10.45 -7.15
N ARG A 196 -5.40 10.42 -8.43
CA ARG A 196 -5.87 9.20 -9.08
C ARG A 196 -5.06 8.94 -10.34
N TYR A 197 -4.62 7.70 -10.54
CA TYR A 197 -4.01 7.33 -11.82
C TYR A 197 -4.17 5.84 -12.03
N THR A 198 -3.94 5.40 -13.27
CA THR A 198 -4.00 3.99 -13.61
C THR A 198 -2.58 3.44 -13.64
N GLY A 199 -2.37 2.35 -12.92
CA GLY A 199 -1.03 1.81 -12.83
C GLY A 199 -1.05 0.32 -12.67
N SER A 200 -0.13 -0.17 -11.82
CA SER A 200 0.12 -1.60 -11.74
C SER A 200 0.34 -2.00 -10.29
N LEU A 201 0.37 -3.31 -10.06
CA LEU A 201 0.92 -3.85 -8.82
C LEU A 201 2.37 -3.43 -8.76
N THR A 202 2.89 -3.16 -7.56
CA THR A 202 4.28 -2.73 -7.43
C THR A 202 5.22 -3.89 -7.10
N THR A 203 4.69 -5.10 -7.13
CA THR A 203 5.52 -6.31 -7.06
C THR A 203 5.08 -7.26 -8.17
N PRO A 204 5.95 -8.19 -8.56
CA PRO A 204 5.54 -9.16 -9.58
C PRO A 204 4.23 -9.81 -9.17
N PRO A 205 3.32 -10.07 -10.13
CA PRO A 205 3.50 -9.98 -11.58
C PRO A 205 3.38 -8.58 -12.18
N CYS A 206 3.30 -7.52 -11.38
CA CYS A 206 3.27 -6.14 -11.90
C CYS A 206 2.11 -5.90 -12.87
N SER A 207 0.98 -6.57 -12.63
CA SER A 207 -0.16 -6.45 -13.54
C SER A 207 -0.67 -5.01 -13.71
N GLU A 208 -0.90 -4.59 -14.95
CA GLU A 208 -1.32 -3.21 -15.22
C GLU A 208 -2.85 -3.08 -15.17
N ILE A 209 -3.38 -3.23 -13.96
CA ILE A 209 -4.80 -3.35 -13.74
C ILE A 209 -5.26 -2.57 -12.52
N VAL A 210 -4.37 -1.76 -11.94
CA VAL A 210 -4.68 -1.08 -10.69
C VAL A 210 -5.09 0.38 -10.86
N GLU A 211 -6.27 0.72 -10.33
CA GLU A 211 -6.67 2.11 -10.16
C GLU A 211 -6.19 2.56 -8.80
N TRP A 212 -5.22 3.48 -8.79
CA TRP A 212 -4.62 3.98 -7.55
C TRP A 212 -5.29 5.24 -7.05
N ILE A 213 -5.45 5.30 -5.72
CA ILE A 213 -5.89 6.49 -5.01
C ILE A 213 -4.73 6.80 -4.08
N VAL A 214 -4.06 7.92 -4.27
CA VAL A 214 -2.90 8.28 -3.44
C VAL A 214 -3.28 9.49 -2.61
N PHE A 215 -3.38 9.31 -1.29
CA PHE A 215 -3.81 10.41 -0.45
C PHE A 215 -2.68 11.43 -0.25
N ARG A 216 -3.03 12.71 -0.32
CA ARG A 216 -2.01 13.76 -0.27
C ARG A 216 -1.51 13.99 1.14
N ARG A 217 -2.38 13.81 2.14
CA ARG A 217 -1.99 14.14 3.52
C ARG A 217 -1.61 12.88 4.31
N PRO A 218 -0.55 12.98 5.13
CA PRO A 218 -0.08 11.76 5.81
C PRO A 218 -0.77 11.50 7.15
N VAL A 219 -0.60 10.27 7.64
CA VAL A 219 -1.04 9.84 8.97
C VAL A 219 0.17 9.88 9.89
N PRO A 220 0.01 10.38 11.12
CA PRO A 220 1.20 10.52 11.98
C PRO A 220 1.69 9.20 12.53
N ILE A 221 3.01 9.10 12.72
CA ILE A 221 3.63 7.97 13.40
C ILE A 221 4.83 8.49 14.18
N SER A 222 5.09 7.97 15.37
CA SER A 222 6.24 8.48 16.13
C SER A 222 7.52 7.77 15.69
N TYR A 223 8.67 8.36 15.98
CA TYR A 223 9.92 7.69 15.67
C TYR A 223 10.01 6.38 16.44
N HIS A 224 9.47 6.34 17.66
CA HIS A 224 9.49 5.12 18.44
C HIS A 224 8.69 4.01 17.78
N GLN A 225 7.53 4.38 17.24
CA GLN A 225 6.70 3.40 16.56
C GLN A 225 7.39 2.88 15.31
N LEU A 226 8.08 3.75 14.58
CA LEU A 226 8.79 3.32 13.37
C LEU A 226 9.79 2.22 13.66
N GLU A 227 10.37 2.24 14.86
CA GLU A 227 11.36 1.23 15.20
C GLU A 227 10.84 -0.18 15.05
N ALA A 228 9.54 -0.37 15.24
CA ALA A 228 8.94 -1.70 15.09
C ALA A 228 9.05 -2.21 13.65
N PHE A 229 9.00 -1.30 12.66
CA PHE A 229 9.23 -1.68 11.27
C PHE A 229 10.69 -2.05 11.00
N TYR A 230 11.60 -1.27 11.58
CA TYR A 230 13.02 -1.45 11.27
C TYR A 230 13.58 -2.74 11.85
N SER A 231 12.87 -3.32 12.81
CA SER A 231 13.32 -4.51 13.53
C SER A 231 12.94 -5.82 12.83
N ILE A 232 12.15 -5.73 11.76
CA ILE A 232 11.68 -6.93 11.06
C ILE A 232 12.81 -7.60 10.27
N PHE A 233 12.83 -8.93 10.27
CA PHE A 233 13.81 -9.72 9.54
C PHE A 233 13.23 -10.28 8.24
N THR A 234 14.10 -10.57 7.27
CA THR A 234 13.71 -11.32 6.10
C THR A 234 14.78 -12.37 5.82
N THR A 235 14.44 -13.41 5.06
CA THR A 235 15.43 -14.45 4.79
C THR A 235 15.56 -14.80 3.31
N GLU A 236 16.80 -15.04 2.90
CA GLU A 236 17.15 -15.50 1.55
C GLU A 236 16.93 -14.44 0.47
N SER A 243 19.93 -17.23 4.59
CA SER A 243 20.62 -15.97 4.89
C SER A 243 19.64 -14.90 5.38
N VAL A 244 20.00 -14.25 6.47
CA VAL A 244 19.09 -13.36 7.16
C VAL A 244 19.56 -11.92 7.03
N GLU A 245 18.62 -11.01 6.79
CA GLU A 245 18.86 -9.57 6.76
C GLU A 245 17.71 -8.86 7.44
N TYR A 246 17.91 -7.60 7.80
CA TYR A 246 16.77 -6.78 8.18
C TYR A 246 15.92 -6.56 6.96
N LEU A 247 14.60 -6.58 7.16
CA LEU A 247 13.67 -6.21 6.10
C LEU A 247 13.56 -4.68 6.13
N ARG A 248 14.22 -4.04 5.17
CA ARG A 248 14.30 -2.58 5.09
C ARG A 248 14.34 -2.12 3.64
N ASN A 249 13.96 -0.86 3.40
CA ASN A 249 13.93 -0.27 2.05
C ASN A 249 13.18 -1.15 1.06
N ASN A 250 12.02 -1.65 1.49
CA ASN A 250 11.31 -2.62 0.68
C ASN A 250 10.33 -1.89 -0.23
N PHE A 251 10.87 -1.05 -1.11
CA PHE A 251 10.06 -0.29 -2.05
C PHE A 251 10.58 -0.46 -3.46
N ARG A 252 9.69 -0.44 -4.44
CA ARG A 252 10.12 -0.57 -5.82
C ARG A 252 10.54 0.80 -6.33
N PRO A 253 11.62 0.86 -7.13
CA PRO A 253 12.02 2.11 -7.78
C PRO A 253 10.88 2.69 -8.61
N GLN A 254 10.81 4.01 -8.68
CA GLN A 254 9.73 4.65 -9.41
C GLN A 254 9.79 4.44 -10.92
N GLN A 255 8.60 4.48 -11.52
CA GLN A 255 8.42 4.15 -12.91
C GLN A 255 7.99 5.41 -13.68
N ARG A 256 8.24 5.40 -14.99
CA ARG A 256 7.93 6.57 -15.82
C ARG A 256 6.43 6.71 -16.07
N LEU A 257 5.95 7.94 -16.05
CA LEU A 257 4.53 8.22 -16.29
C LEU A 257 4.11 7.82 -17.71
N HIS A 258 4.97 8.15 -18.69
CA HIS A 258 4.64 7.89 -20.08
C HIS A 258 3.33 8.60 -20.43
N ASP A 259 2.47 7.93 -21.20
CA ASP A 259 1.27 8.58 -21.73
C ASP A 259 0.12 8.72 -20.73
N ARG A 260 0.42 8.74 -19.44
CA ARG A 260 -0.63 8.78 -18.43
C ARG A 260 -0.82 10.15 -17.87
N VAL A 261 -2.05 10.43 -17.44
CA VAL A 261 -2.37 11.66 -16.76
C VAL A 261 -2.76 11.36 -15.32
N VAL A 262 -2.22 12.11 -14.36
CA VAL A 262 -2.65 11.97 -12.98
C VAL A 262 -3.75 13.00 -12.70
N SER A 263 -4.84 12.56 -12.09
CA SER A 263 -5.91 13.47 -11.72
C SER A 263 -5.83 13.82 -10.24
N LYS A 264 -6.38 14.97 -9.85
CA LYS A 264 -6.48 15.29 -8.43
C LYS A 264 -7.88 15.78 -8.05
N SER A 265 -8.32 15.43 -6.85
CA SER A 265 -9.57 15.97 -6.35
C SER A 265 -9.44 17.50 -6.20
#